data_6PRS
#
_entry.id   6PRS
#
_cell.length_a   44.592
_cell.length_b   51.416
_cell.length_c   79.365
_cell.angle_alpha   90.000
_cell.angle_beta   92.190
_cell.angle_gamma   90.000
#
_symmetry.space_group_name_H-M   'P 1 21 1'
#
loop_
_entity.id
_entity.type
_entity.pdbx_description
1 polymer 'Cytochrome P450'
2 non-polymer 'PROTOPORPHYRIN IX CONTAINING FE'
3 non-polymer '3-ethoxybenzoic acid'
4 non-polymer 'CHLORIDE ION'
5 water water
#
_entity_poly.entity_id   1
_entity_poly.type   'polypeptide(L)'
_entity_poly.pdbx_seq_one_letter_code
;MISNSSAESISAPPNDSTIPHLAIDPFSLDFFDDPYPDQQTLRDAGPVVYLDKWNVYGVARYAEVHAVLNDPTTFCSSRG
VGLSDFKKEKPWRPPSLILEADPPAHTRPRAVLSKVLSPATMKTIRDGFAAAADAKVDELLQRGCIDAIADLAEAYPLSV
FPDAMGLKQEGREHLLPYAGLVFNAFGPPNELRQTAIERSAPHQAYVNEQCQRPNLAPGGFGACIHAFTDTGEITPDEAP
LLVRSLLSAGLDTTVNGIGAAVYCLARFPGELQRLRSDPTLARNAFEEAVRFESPVQTFFRTTTREVELGGAVIGEGEKV
LMFLGSANRDPRRWSDPDLYDITRKTSGHVGFGSGVHMCVGQLVARLEGEVMLSALARKVAAIDIDGPVKRRFNNTLRGL
ESLPVKLTPA
;
_entity_poly.pdbx_strand_id   A
#
# COMPACT_ATOMS: atom_id res chain seq x y z
N THR A 18 17.35 28.26 -6.96
CA THR A 18 16.13 28.34 -7.74
C THR A 18 15.09 27.33 -7.26
N ILE A 19 15.54 26.35 -6.47
CA ILE A 19 14.66 25.34 -5.89
C ILE A 19 14.21 25.84 -4.53
N PRO A 20 12.91 25.92 -4.26
CA PRO A 20 12.46 26.39 -2.95
C PRO A 20 12.79 25.37 -1.86
N HIS A 21 13.32 25.87 -0.76
CA HIS A 21 13.64 25.05 0.41
C HIS A 21 12.50 25.17 1.41
N LEU A 22 11.97 24.04 1.86
CA LEU A 22 10.86 24.00 2.78
C LEU A 22 11.27 23.24 4.03
N ALA A 23 10.74 23.68 5.18
CA ALA A 23 11.02 23.05 6.46
C ALA A 23 9.95 22.04 6.87
N ILE A 24 9.01 21.72 5.97
CA ILE A 24 7.95 20.79 6.30
C ILE A 24 8.54 19.40 6.50
N ASP A 25 8.18 18.76 7.61
CA ASP A 25 8.57 17.39 7.86
C ASP A 25 7.40 16.47 7.49
N PRO A 26 7.43 15.80 6.33
CA PRO A 26 6.32 14.93 5.94
C PRO A 26 6.24 13.64 6.73
N PHE A 27 7.14 13.42 7.70
CA PHE A 27 7.12 12.23 8.53
C PHE A 27 6.94 12.58 10.01
N SER A 28 6.31 13.72 10.27
CA SER A 28 5.99 14.13 11.62
C SER A 28 4.55 13.78 11.96
N LEU A 29 4.27 13.67 13.26
CA LEU A 29 2.92 13.35 13.71
C LEU A 29 1.93 14.44 13.28
N ASP A 30 2.38 15.70 13.24
CA ASP A 30 1.51 16.79 12.79
C ASP A 30 1.17 16.65 11.32
N PHE A 31 2.13 16.20 10.50
CA PHE A 31 1.86 16.01 9.08
C PHE A 31 0.88 14.87 8.86
N PHE A 32 1.12 13.72 9.50
CA PHE A 32 0.21 12.59 9.36
C PHE A 32 -1.20 12.95 9.83
N ASP A 33 -1.32 13.82 10.83
CA ASP A 33 -2.63 14.16 11.38
C ASP A 33 -3.50 14.87 10.35
N ASP A 34 -2.89 15.70 9.50
CA ASP A 34 -3.60 16.39 8.44
C ASP A 34 -2.60 16.84 7.38
N PRO A 35 -2.36 16.03 6.35
CA PRO A 35 -1.28 16.32 5.39
C PRO A 35 -1.70 17.19 4.21
N TYR A 36 -2.97 17.51 4.07
CA TYR A 36 -3.48 18.15 2.86
C TYR A 36 -3.09 19.62 2.74
N PRO A 37 -3.14 20.43 3.82
CA PRO A 37 -2.61 21.80 3.70
C PRO A 37 -1.14 21.83 3.34
N ASP A 38 -0.32 20.97 3.97
CA ASP A 38 1.10 20.94 3.64
C ASP A 38 1.35 20.38 2.25
N GLN A 39 0.46 19.50 1.77
CA GLN A 39 0.68 18.90 0.45
C GLN A 39 0.42 19.90 -0.67
N GLN A 40 -0.60 20.76 -0.51
CA GLN A 40 -0.79 21.85 -1.47
C GLN A 40 0.38 22.82 -1.43
N THR A 41 0.88 23.11 -0.22
CA THR A 41 2.06 23.96 -0.09
C THR A 41 3.26 23.35 -0.82
N LEU A 42 3.40 22.02 -0.75
CA LEU A 42 4.49 21.37 -1.49
C LEU A 42 4.25 21.45 -2.99
N ARG A 43 3.00 21.30 -3.42
CA ARG A 43 2.69 21.37 -4.85
C ARG A 43 2.91 22.78 -5.39
N ASP A 44 2.41 23.79 -4.68
CA ASP A 44 2.43 25.15 -5.19
C ASP A 44 3.76 25.86 -5.00
N ALA A 45 4.64 25.35 -4.12
CA ALA A 45 5.95 25.95 -3.96
C ALA A 45 6.79 25.81 -5.23
N GLY A 46 6.50 24.80 -6.04
CA GLY A 46 7.23 24.56 -7.27
C GLY A 46 7.14 23.09 -7.66
N PRO A 47 7.54 22.78 -8.89
CA PRO A 47 7.51 21.37 -9.32
C PRO A 47 8.50 20.49 -8.56
N VAL A 48 9.64 21.04 -8.16
CA VAL A 48 10.64 20.30 -7.38
C VAL A 48 11.02 21.16 -6.18
N VAL A 49 10.98 20.57 -4.99
CA VAL A 49 11.32 21.25 -3.76
C VAL A 49 12.49 20.53 -3.09
N TYR A 50 13.09 21.19 -2.11
CA TYR A 50 14.12 20.60 -1.27
C TYR A 50 13.65 20.65 0.17
N LEU A 51 13.61 19.50 0.82
CA LEU A 51 13.17 19.39 2.21
C LEU A 51 14.40 19.43 3.12
N ASP A 52 14.62 20.58 3.76
CA ASP A 52 15.79 20.76 4.59
C ASP A 52 15.83 19.81 5.78
N LYS A 53 14.67 19.29 6.20
CA LYS A 53 14.62 18.46 7.40
C LYS A 53 15.41 17.16 7.21
N TRP A 54 15.38 16.59 6.00
CA TRP A 54 16.04 15.31 5.75
C TRP A 54 17.01 15.37 4.58
N ASN A 55 17.26 16.55 4.01
CA ASN A 55 18.22 16.73 2.92
C ASN A 55 17.87 15.86 1.71
N VAL A 56 16.64 16.01 1.23
CA VAL A 56 16.15 15.27 0.07
C VAL A 56 15.38 16.20 -0.84
N TYR A 57 15.26 15.79 -2.10
CA TYR A 57 14.41 16.47 -3.04
C TYR A 57 13.00 15.87 -2.98
N GLY A 58 12.01 16.69 -3.29
CA GLY A 58 10.63 16.27 -3.19
C GLY A 58 9.84 16.71 -4.40
N VAL A 59 8.95 15.85 -4.85
CA VAL A 59 8.04 16.12 -5.94
C VAL A 59 6.62 15.79 -5.48
N ALA A 60 5.71 16.76 -5.60
CA ALA A 60 4.35 16.63 -5.10
C ALA A 60 3.26 16.74 -6.16
N ARG A 61 3.56 17.34 -7.32
CA ARG A 61 2.58 17.41 -8.39
C ARG A 61 2.50 16.07 -9.12
N TYR A 62 1.36 15.84 -9.77
CA TYR A 62 1.14 14.57 -10.45
C TYR A 62 2.16 14.35 -11.57
N ALA A 63 2.48 15.39 -12.32
CA ALA A 63 3.33 15.23 -13.49
C ALA A 63 4.72 14.74 -13.12
N GLU A 64 5.35 15.39 -12.13
CA GLU A 64 6.70 15.00 -11.73
C GLU A 64 6.71 13.64 -11.04
N VAL A 65 5.67 13.34 -10.26
CA VAL A 65 5.58 12.02 -9.64
C VAL A 65 5.44 10.94 -10.70
N HIS A 66 4.61 11.18 -11.71
CA HIS A 66 4.46 10.21 -12.79
C HIS A 66 5.72 10.11 -13.63
N ALA A 67 6.42 11.23 -13.84
CA ALA A 67 7.64 11.19 -14.65
C ALA A 67 8.76 10.44 -13.94
N VAL A 68 8.91 10.65 -12.63
CA VAL A 68 9.96 9.97 -11.88
C VAL A 68 9.70 8.47 -11.84
N LEU A 69 8.44 8.07 -11.64
CA LEU A 69 8.13 6.65 -11.55
C LEU A 69 8.41 5.93 -12.86
N ASN A 70 8.26 6.61 -14.00
CA ASN A 70 8.46 6.00 -15.30
C ASN A 70 9.85 6.23 -15.86
N ASP A 71 10.79 6.69 -15.03
CA ASP A 71 12.20 6.83 -15.40
C ASP A 71 13.03 6.02 -14.43
N PRO A 72 12.95 4.68 -14.49
CA PRO A 72 13.67 3.85 -13.51
C PRO A 72 15.17 3.83 -13.70
N THR A 73 15.66 4.11 -14.92
CA THR A 73 17.11 4.13 -15.13
C THR A 73 17.76 5.28 -14.38
N THR A 74 17.12 6.46 -14.40
CA THR A 74 17.67 7.61 -13.71
C THR A 74 17.28 7.60 -12.23
N PHE A 75 16.00 7.36 -11.94
CA PHE A 75 15.51 7.30 -10.57
C PHE A 75 15.39 5.83 -10.18
N CYS A 76 16.51 5.27 -9.77
CA CYS A 76 16.62 3.84 -9.51
C CYS A 76 16.01 3.47 -8.16
N SER A 77 15.85 2.18 -7.94
CA SER A 77 15.34 1.65 -6.69
C SER A 77 16.30 0.71 -5.97
N SER A 78 17.40 0.31 -6.61
CA SER A 78 18.33 -0.64 -6.00
C SER A 78 19.12 -0.02 -4.86
N ARG A 79 19.17 1.31 -4.76
CA ARG A 79 19.80 1.98 -3.63
C ARG A 79 18.81 2.31 -2.52
N GLY A 80 17.67 1.63 -2.50
CA GLY A 80 16.66 1.82 -1.47
C GLY A 80 15.53 2.73 -1.88
N VAL A 81 14.29 2.31 -1.62
CA VAL A 81 13.13 3.16 -1.85
C VAL A 81 12.71 3.89 -0.58
N GLY A 82 13.51 3.78 0.48
CA GLY A 82 13.34 4.61 1.66
C GLY A 82 14.34 5.76 1.67
N LEU A 83 14.43 6.41 2.83
CA LEU A 83 15.39 7.51 2.96
C LEU A 83 16.82 7.00 2.94
N SER A 84 17.07 5.87 3.60
CA SER A 84 18.43 5.35 3.67
C SER A 84 18.96 4.97 2.30
N ASP A 85 20.20 5.39 2.01
CA ASP A 85 20.87 5.06 0.77
C ASP A 85 21.72 3.81 0.99
N PHE A 86 21.37 2.72 0.29
CA PHE A 86 22.08 1.47 0.46
C PHE A 86 23.55 1.56 0.06
N LYS A 87 23.90 2.57 -0.75
CA LYS A 87 25.30 2.83 -1.07
C LYS A 87 26.06 3.47 0.09
N LYS A 88 25.35 3.94 1.13
CA LYS A 88 25.96 4.60 2.27
C LYS A 88 25.70 3.89 3.58
N GLU A 89 24.51 3.31 3.76
CA GLU A 89 24.14 2.61 4.98
C GLU A 89 23.76 1.18 4.66
N LYS A 90 23.98 0.30 5.63
CA LYS A 90 23.54 -1.07 5.48
C LYS A 90 22.02 -1.14 5.59
N PRO A 91 21.36 -1.95 4.77
CA PRO A 91 19.90 -2.11 4.90
C PRO A 91 19.56 -2.84 6.19
N TRP A 92 18.45 -2.44 6.81
CA TRP A 92 18.03 -3.07 8.06
C TRP A 92 17.68 -4.55 7.87
N ARG A 93 17.33 -4.93 6.65
CA ARG A 93 17.10 -6.33 6.29
C ARG A 93 17.65 -6.53 4.89
N PRO A 94 17.95 -7.76 4.50
CA PRO A 94 18.38 -8.03 3.12
C PRO A 94 17.42 -7.41 2.12
N PRO A 95 17.94 -6.76 1.07
CA PRO A 95 17.08 -6.03 0.15
C PRO A 95 16.07 -6.95 -0.55
N SER A 96 14.89 -6.41 -0.79
CA SER A 96 13.87 -7.14 -1.54
C SER A 96 14.34 -7.35 -2.97
N LEU A 97 14.12 -8.57 -3.48
CA LEU A 97 14.58 -8.92 -4.81
C LEU A 97 13.74 -8.27 -5.91
N ILE A 98 12.67 -7.57 -5.57
CA ILE A 98 11.81 -6.99 -6.59
C ILE A 98 11.60 -5.50 -6.32
N LEU A 99 11.17 -5.15 -5.12
CA LEU A 99 10.87 -3.74 -4.82
C LEU A 99 12.14 -2.88 -4.85
N GLU A 100 13.23 -3.43 -4.34
CA GLU A 100 14.49 -2.69 -4.22
C GLU A 100 15.53 -3.21 -5.21
N ALA A 101 15.08 -3.52 -6.43
CA ALA A 101 15.93 -4.01 -7.49
C ALA A 101 15.59 -3.28 -8.79
N ASP A 102 16.60 -3.09 -9.62
CA ASP A 102 16.46 -2.42 -10.90
C ASP A 102 16.50 -3.42 -12.05
N PRO A 103 15.95 -3.07 -13.21
CA PRO A 103 16.18 -3.87 -14.41
C PRO A 103 17.67 -3.97 -14.70
N PRO A 104 18.14 -5.14 -15.17
CA PRO A 104 17.36 -6.33 -15.49
C PRO A 104 17.19 -7.31 -14.33
N ALA A 105 17.89 -7.08 -13.22
CA ALA A 105 17.79 -7.99 -12.08
C ALA A 105 16.38 -8.06 -11.50
N HIS A 106 15.58 -7.02 -11.71
CA HIS A 106 14.20 -6.98 -11.22
C HIS A 106 13.23 -7.71 -12.13
N THR A 107 13.61 -7.93 -13.40
CA THR A 107 12.66 -8.38 -14.41
C THR A 107 12.06 -9.75 -14.08
N ARG A 108 12.91 -10.75 -13.89
CA ARG A 108 12.44 -12.13 -13.76
C ARG A 108 11.81 -12.43 -12.40
N PRO A 109 12.32 -11.89 -11.27
CA PRO A 109 11.55 -12.01 -10.03
C PRO A 109 10.19 -11.35 -10.12
N ARG A 110 10.07 -10.26 -10.87
CA ARG A 110 8.77 -9.62 -11.08
C ARG A 110 7.85 -10.52 -11.89
N ALA A 111 8.38 -11.19 -12.91
CA ALA A 111 7.56 -12.07 -13.75
C ALA A 111 7.03 -13.26 -12.96
N VAL A 112 7.80 -13.76 -12.01
CA VAL A 112 7.33 -14.89 -11.20
C VAL A 112 6.18 -14.46 -10.31
N LEU A 113 6.33 -13.34 -9.60
CA LEU A 113 5.25 -12.84 -8.76
C LEU A 113 4.03 -12.47 -9.59
N SER A 114 4.24 -12.07 -10.85
CA SER A 114 3.11 -11.77 -11.73
C SER A 114 2.35 -13.04 -12.08
N LYS A 115 3.05 -14.13 -12.38
CA LYS A 115 2.38 -15.39 -12.72
C LYS A 115 1.79 -16.06 -11.49
N VAL A 116 2.39 -15.84 -10.31
CA VAL A 116 1.82 -16.39 -9.08
C VAL A 116 0.53 -15.68 -8.73
N LEU A 117 0.51 -14.36 -8.87
CA LEU A 117 -0.70 -13.56 -8.65
C LEU A 117 -1.36 -13.20 -9.97
N SER A 118 -1.57 -14.22 -10.80
CA SER A 118 -2.00 -14.04 -12.18
C SER A 118 -3.52 -13.93 -12.27
N PRO A 119 -4.04 -13.49 -13.41
CA PRO A 119 -5.50 -13.54 -13.62
C PRO A 119 -6.07 -14.94 -13.47
N ALA A 120 -5.33 -15.96 -13.90
CA ALA A 120 -5.81 -17.33 -13.74
C ALA A 120 -5.85 -17.73 -12.27
N THR A 121 -5.02 -17.12 -11.44
CA THR A 121 -5.00 -17.44 -10.02
C THR A 121 -6.20 -16.84 -9.29
N MET A 122 -6.61 -15.63 -9.70
CA MET A 122 -7.75 -14.98 -9.05
C MET A 122 -9.03 -15.78 -9.24
N LYS A 123 -9.16 -16.49 -10.36
CA LYS A 123 -10.35 -17.31 -10.60
C LYS A 123 -10.48 -18.43 -9.56
N THR A 124 -9.35 -18.93 -9.06
CA THR A 124 -9.38 -20.04 -8.11
C THR A 124 -9.72 -19.62 -6.69
N ILE A 125 -9.50 -18.35 -6.34
CA ILE A 125 -9.71 -17.88 -4.98
C ILE A 125 -10.88 -16.92 -4.84
N ARG A 126 -11.47 -16.47 -5.95
CA ARG A 126 -12.46 -15.40 -5.89
C ARG A 126 -13.70 -15.81 -5.10
N ASP A 127 -14.19 -17.03 -5.31
CA ASP A 127 -15.41 -17.45 -4.62
C ASP A 127 -15.20 -17.55 -3.11
N GLY A 128 -14.06 -18.11 -2.69
CA GLY A 128 -13.77 -18.16 -1.27
C GLY A 128 -13.54 -16.79 -0.66
N PHE A 129 -12.92 -15.89 -1.44
CA PHE A 129 -12.71 -14.52 -0.96
C PHE A 129 -14.03 -13.78 -0.84
N ALA A 130 -14.95 -13.98 -1.79
CA ALA A 130 -16.23 -13.29 -1.74
C ALA A 130 -17.15 -13.89 -0.67
N ALA A 131 -17.09 -15.21 -0.48
CA ALA A 131 -17.90 -15.85 0.55
C ALA A 131 -17.47 -15.38 1.93
N ALA A 132 -16.17 -15.20 2.14
CA ALA A 132 -15.69 -14.71 3.43
C ALA A 132 -16.06 -13.26 3.65
N ALA A 133 -16.18 -12.49 2.57
CA ALA A 133 -16.59 -11.08 2.70
C ALA A 133 -18.06 -10.99 3.08
N ASP A 134 -18.92 -11.76 2.40
CA ASP A 134 -20.33 -11.78 2.76
C ASP A 134 -20.53 -12.30 4.18
N ALA A 135 -19.79 -13.35 4.56
CA ALA A 135 -19.92 -13.91 5.90
C ALA A 135 -19.45 -12.91 6.96
N LYS A 136 -18.43 -12.12 6.65
CA LYS A 136 -17.94 -11.13 7.60
C LYS A 136 -18.97 -10.03 7.81
N VAL A 137 -19.53 -9.50 6.73
CA VAL A 137 -20.53 -8.44 6.84
C VAL A 137 -21.78 -8.97 7.56
N ASP A 138 -22.19 -10.20 7.24
CA ASP A 138 -23.31 -10.82 7.94
C ASP A 138 -23.03 -10.92 9.44
N GLU A 139 -21.79 -11.27 9.79
CA GLU A 139 -21.43 -11.39 11.20
C GLU A 139 -21.37 -10.02 11.89
N LEU A 140 -20.86 -9.02 11.19
CA LEU A 140 -20.78 -7.68 11.77
C LEU A 140 -22.15 -7.06 11.96
N LEU A 141 -23.08 -7.32 11.04
CA LEU A 141 -24.44 -6.80 11.18
C LEU A 141 -25.16 -7.36 12.40
N GLN A 142 -24.76 -8.55 12.87
CA GLN A 142 -25.34 -9.12 14.07
C GLN A 142 -24.90 -8.39 15.33
N ARG A 143 -23.76 -7.69 15.28
CA ARG A 143 -23.29 -6.93 16.42
C ARG A 143 -23.82 -5.49 16.42
N GLY A 144 -23.94 -4.88 15.24
CA GLY A 144 -24.42 -3.51 15.14
C GLY A 144 -23.33 -2.47 15.20
N CYS A 145 -22.82 -2.21 16.40
CA CYS A 145 -21.75 -1.24 16.63
C CYS A 145 -20.42 -1.99 16.69
N ILE A 146 -19.57 -1.75 15.68
CA ILE A 146 -18.30 -2.46 15.55
C ILE A 146 -17.19 -1.44 15.29
N ASP A 147 -15.95 -1.95 15.31
CA ASP A 147 -14.78 -1.17 14.94
C ASP A 147 -14.40 -1.57 13.51
N ALA A 148 -14.62 -0.66 12.56
CA ALA A 148 -14.38 -0.97 11.15
C ALA A 148 -12.92 -1.29 10.85
N ILE A 149 -12.01 -0.99 11.78
CA ILE A 149 -10.60 -1.31 11.58
C ILE A 149 -10.32 -2.74 12.04
N ALA A 150 -10.51 -3.00 13.33
CA ALA A 150 -10.16 -4.32 13.87
C ALA A 150 -11.15 -5.39 13.42
N ASP A 151 -12.43 -5.05 13.37
CA ASP A 151 -13.47 -6.04 13.07
C ASP A 151 -13.79 -6.15 11.59
N LEU A 152 -13.19 -5.31 10.75
CA LEU A 152 -13.44 -5.38 9.31
C LEU A 152 -12.15 -5.22 8.51
N ALA A 153 -11.54 -4.02 8.58
CA ALA A 153 -10.35 -3.75 7.77
C ALA A 153 -9.21 -4.71 8.09
N GLU A 154 -9.12 -5.17 9.34
CA GLU A 154 -8.11 -6.14 9.74
C GLU A 154 -8.65 -7.57 9.78
N ALA A 155 -9.90 -7.75 10.19
CA ALA A 155 -10.43 -9.10 10.39
C ALA A 155 -10.63 -9.81 9.05
N TYR A 156 -11.08 -9.11 8.03
CA TYR A 156 -11.35 -9.78 6.75
C TYR A 156 -10.06 -10.20 6.04
N PRO A 157 -9.08 -9.31 5.79
CA PRO A 157 -7.86 -9.77 5.11
C PRO A 157 -7.13 -10.85 5.89
N LEU A 158 -7.19 -10.80 7.23
CA LEU A 158 -6.60 -11.86 8.04
C LEU A 158 -7.32 -13.19 7.86
N SER A 159 -8.56 -13.17 7.36
CA SER A 159 -9.35 -14.37 7.19
C SER A 159 -9.23 -14.99 5.81
N VAL A 160 -8.50 -14.37 4.89
CA VAL A 160 -8.37 -14.91 3.53
C VAL A 160 -6.91 -14.95 3.10
N PHE A 161 -6.16 -13.87 3.36
CA PHE A 161 -4.82 -13.77 2.77
C PHE A 161 -3.83 -14.75 3.39
N PRO A 162 -3.69 -14.86 4.72
CA PRO A 162 -2.76 -15.87 5.26
C PRO A 162 -3.07 -17.29 4.78
N ASP A 163 -4.35 -17.63 4.62
CA ASP A 163 -4.69 -18.94 4.07
C ASP A 163 -4.34 -19.02 2.59
N ALA A 164 -4.57 -17.94 1.83
CA ALA A 164 -4.17 -17.94 0.43
C ALA A 164 -2.66 -18.01 0.27
N MET A 165 -1.91 -17.52 1.26
CA MET A 165 -0.46 -17.67 1.25
C MET A 165 -0.03 -19.09 1.58
N GLY A 166 -0.92 -19.89 2.17
CA GLY A 166 -0.53 -21.21 2.63
C GLY A 166 0.18 -21.22 3.96
N LEU A 167 -0.10 -20.24 4.82
CA LEU A 167 0.58 -20.14 6.11
C LEU A 167 -0.10 -21.04 7.13
N LYS A 168 0.70 -21.50 8.10
CA LYS A 168 0.13 -22.23 9.22
C LYS A 168 -0.62 -21.27 10.15
N GLN A 169 -1.35 -21.85 11.10
CA GLN A 169 -2.17 -21.02 11.99
C GLN A 169 -1.33 -20.32 13.04
N GLU A 170 -0.34 -21.02 13.61
CA GLU A 170 0.45 -20.46 14.70
C GLU A 170 1.32 -19.30 14.21
N GLY A 171 1.36 -18.24 15.00
CA GLY A 171 2.24 -17.12 14.74
C GLY A 171 1.70 -16.05 13.82
N ARG A 172 0.41 -16.12 13.45
CA ARG A 172 -0.14 -15.13 12.53
C ARG A 172 -0.24 -13.75 13.14
N GLU A 173 -0.15 -13.64 14.47
CA GLU A 173 -0.16 -12.32 15.11
C GLU A 173 1.11 -11.52 14.86
N HIS A 174 2.13 -12.14 14.26
CA HIS A 174 3.35 -11.44 13.87
C HIS A 174 3.21 -10.71 12.53
N LEU A 175 2.18 -11.00 11.75
CA LEU A 175 2.12 -10.53 10.38
C LEU A 175 1.95 -9.01 10.31
N LEU A 176 0.99 -8.47 11.06
CA LEU A 176 0.74 -7.04 11.03
C LEU A 176 1.87 -6.25 11.69
N PRO A 177 2.38 -6.66 12.88
CA PRO A 177 3.54 -5.95 13.44
C PRO A 177 4.76 -5.97 12.52
N TYR A 178 5.01 -7.08 11.82
CA TYR A 178 6.13 -7.10 10.88
C TYR A 178 5.90 -6.15 9.72
N ALA A 179 4.65 -6.05 9.25
CA ALA A 179 4.35 -5.18 8.12
C ALA A 179 4.49 -3.71 8.52
N GLY A 180 3.93 -3.33 9.67
CA GLY A 180 4.11 -1.97 10.15
C GLY A 180 5.57 -1.63 10.39
N LEU A 181 6.38 -2.62 10.73
CA LEU A 181 7.82 -2.42 10.85
C LEU A 181 8.46 -2.10 9.50
N VAL A 182 8.08 -2.84 8.45
CA VAL A 182 8.69 -2.65 7.14
C VAL A 182 8.36 -1.26 6.61
N PHE A 183 7.09 -0.85 6.70
CA PHE A 183 6.69 0.44 6.16
C PHE A 183 7.21 1.59 7.02
N ASN A 184 7.37 1.38 8.33
CA ASN A 184 8.02 2.37 9.16
C ASN A 184 9.51 2.49 8.84
N ALA A 185 10.11 1.43 8.32
CA ALA A 185 11.54 1.42 8.04
C ALA A 185 11.88 2.18 6.76
N PHE A 186 10.91 2.39 5.87
CA PHE A 186 11.15 3.24 4.71
C PHE A 186 11.36 4.70 5.10
N GLY A 187 10.94 5.09 6.29
CA GLY A 187 10.97 6.48 6.68
C GLY A 187 12.32 6.93 7.20
N PRO A 188 12.40 8.17 7.66
CA PRO A 188 13.64 8.69 8.21
C PRO A 188 13.92 8.10 9.58
N PRO A 189 15.15 8.23 10.09
CA PRO A 189 15.43 7.71 11.43
C PRO A 189 14.79 8.54 12.54
N ASN A 190 13.46 8.63 12.52
CA ASN A 190 12.72 9.26 13.61
C ASN A 190 12.39 8.21 14.66
N GLU A 191 11.62 8.59 15.68
CA GLU A 191 11.28 7.63 16.73
C GLU A 191 10.37 6.53 16.22
N LEU A 192 9.49 6.84 15.26
CA LEU A 192 8.63 5.81 14.67
C LEU A 192 9.46 4.69 14.06
N ARG A 193 10.51 5.05 13.31
CA ARG A 193 11.38 4.04 12.71
C ARG A 193 12.28 3.39 13.76
N GLN A 194 12.83 4.20 14.68
CA GLN A 194 13.73 3.66 15.69
C GLN A 194 13.01 2.66 16.60
N THR A 195 11.78 2.98 16.99
CA THR A 195 11.03 2.08 17.86
C THR A 195 10.66 0.80 17.14
N ALA A 196 10.31 0.89 15.85
CA ALA A 196 9.91 -0.30 15.11
C ALA A 196 11.05 -1.31 15.04
N ILE A 197 12.21 -0.87 14.57
CA ILE A 197 13.38 -1.75 14.53
C ILE A 197 13.77 -2.21 15.92
N GLU A 198 13.40 -1.46 16.95
CA GLU A 198 13.68 -1.80 18.34
C GLU A 198 12.81 -2.94 18.87
N ARG A 199 11.81 -3.38 18.12
CA ARG A 199 10.90 -4.44 18.55
C ARG A 199 10.76 -5.51 17.47
N SER A 200 11.84 -5.77 16.73
CA SER A 200 11.73 -6.37 15.41
C SER A 200 12.19 -7.81 15.33
N ALA A 201 13.17 -8.21 16.14
CA ALA A 201 13.76 -9.55 16.00
C ALA A 201 12.74 -10.70 16.06
N PRO A 202 11.74 -10.71 16.94
CA PRO A 202 10.77 -11.82 16.91
C PRO A 202 9.93 -11.86 15.65
N HIS A 203 9.61 -10.71 15.06
CA HIS A 203 8.73 -10.69 13.90
C HIS A 203 9.44 -11.21 12.65
N GLN A 204 10.67 -10.76 12.41
CA GLN A 204 11.42 -11.27 11.25
C GLN A 204 11.78 -12.73 11.42
N ALA A 205 12.01 -13.19 12.65
CA ALA A 205 12.29 -14.59 12.89
C ALA A 205 11.12 -15.47 12.46
N TYR A 206 9.90 -15.03 12.74
CA TYR A 206 8.73 -15.78 12.29
C TYR A 206 8.58 -15.69 10.78
N VAL A 207 8.65 -14.48 10.22
CA VAL A 207 8.38 -14.29 8.79
C VAL A 207 9.41 -15.04 7.96
N ASN A 208 10.69 -14.92 8.32
CA ASN A 208 11.73 -15.60 7.56
C ASN A 208 11.57 -17.12 7.61
N GLU A 209 11.08 -17.65 8.75
CA GLU A 209 10.90 -19.10 8.86
C GLU A 209 9.76 -19.59 7.97
N GLN A 210 8.64 -18.84 7.92
CA GLN A 210 7.52 -19.24 7.07
C GLN A 210 7.85 -19.13 5.59
N CYS A 211 8.93 -18.42 5.24
CA CYS A 211 9.33 -18.30 3.84
C CYS A 211 9.97 -19.57 3.30
N GLN A 212 10.33 -20.50 4.17
CA GLN A 212 10.94 -21.76 3.74
C GLN A 212 9.89 -22.68 3.14
N ARG A 213 10.28 -23.40 2.09
CA ARG A 213 9.34 -24.24 1.35
C ARG A 213 8.55 -25.22 2.20
N PRO A 214 9.12 -25.94 3.18
CA PRO A 214 8.31 -26.91 3.93
C PRO A 214 7.21 -26.28 4.78
N ASN A 215 7.21 -24.97 4.97
CA ASN A 215 6.24 -24.31 5.84
C ASN A 215 5.10 -23.65 5.07
N LEU A 216 5.03 -23.84 3.75
CA LEU A 216 4.01 -23.24 2.91
C LEU A 216 3.09 -24.33 2.39
N ALA A 217 1.79 -24.20 2.66
CA ALA A 217 0.82 -25.23 2.30
C ALA A 217 0.71 -25.36 0.79
N PRO A 218 0.40 -26.56 0.30
CA PRO A 218 0.30 -26.76 -1.16
C PRO A 218 -0.89 -26.01 -1.74
N GLY A 219 -0.66 -25.40 -2.90
CA GLY A 219 -1.66 -24.64 -3.61
C GLY A 219 -1.63 -23.14 -3.34
N GLY A 220 -1.05 -22.71 -2.22
CA GLY A 220 -1.01 -21.31 -1.89
C GLY A 220 0.02 -20.55 -2.70
N PHE A 221 0.03 -19.23 -2.50
CA PHE A 221 0.99 -18.38 -3.20
C PHE A 221 2.43 -18.77 -2.86
N GLY A 222 2.68 -19.11 -1.59
CA GLY A 222 4.04 -19.43 -1.19
C GLY A 222 4.59 -20.66 -1.89
N ALA A 223 3.83 -21.75 -1.89
CA ALA A 223 4.26 -22.96 -2.57
C ALA A 223 4.37 -22.73 -4.08
N CYS A 224 3.52 -21.88 -4.64
CA CYS A 224 3.59 -21.59 -6.07
CA CYS A 224 3.59 -21.59 -6.07
C CYS A 224 4.88 -20.88 -6.42
N ILE A 225 5.36 -19.99 -5.55
CA ILE A 225 6.62 -19.30 -5.80
C ILE A 225 7.78 -20.30 -5.79
N HIS A 226 7.78 -21.21 -4.82
CA HIS A 226 8.83 -22.21 -4.75
C HIS A 226 8.79 -23.18 -5.92
N ALA A 227 7.62 -23.37 -6.52
CA ALA A 227 7.53 -24.26 -7.68
C ALA A 227 8.07 -23.61 -8.94
N PHE A 228 8.15 -22.29 -8.97
CA PHE A 228 8.70 -21.58 -10.12
C PHE A 228 10.22 -21.53 -10.14
N THR A 229 10.89 -22.30 -9.27
CA THR A 229 12.34 -22.25 -9.18
C THR A 229 13.04 -23.09 -10.24
N ASP A 230 12.32 -23.97 -10.94
CA ASP A 230 12.94 -24.83 -11.95
C ASP A 230 12.78 -24.31 -13.37
N THR A 231 12.03 -23.23 -13.57
CA THR A 231 11.87 -22.66 -14.90
C THR A 231 13.07 -21.85 -15.35
N GLY A 232 14.04 -21.62 -14.47
CA GLY A 232 15.17 -20.78 -14.79
C GLY A 232 14.91 -19.30 -14.66
N GLU A 233 13.74 -18.91 -14.15
CA GLU A 233 13.47 -17.49 -13.88
C GLU A 233 13.96 -17.08 -12.49
N ILE A 234 13.83 -17.97 -11.51
CA ILE A 234 14.41 -17.76 -10.18
C ILE A 234 15.03 -19.07 -9.73
N THR A 235 16.00 -18.96 -8.84
CA THR A 235 16.65 -20.12 -8.25
C THR A 235 16.00 -20.45 -6.91
N PRO A 236 16.20 -21.67 -6.39
CA PRO A 236 15.60 -22.01 -5.09
C PRO A 236 15.99 -21.07 -3.97
N ASP A 237 17.20 -20.50 -4.00
CA ASP A 237 17.61 -19.56 -2.97
C ASP A 237 16.97 -18.19 -3.10
N GLU A 238 16.29 -17.92 -4.22
CA GLU A 238 15.56 -16.67 -4.39
C GLU A 238 14.11 -16.76 -3.92
N ALA A 239 13.57 -17.97 -3.82
CA ALA A 239 12.16 -18.12 -3.44
C ALA A 239 11.82 -17.58 -2.06
N PRO A 240 12.61 -17.84 -1.00
CA PRO A 240 12.21 -17.30 0.32
C PRO A 240 12.04 -15.80 0.35
N LEU A 241 12.93 -15.04 -0.29
CA LEU A 241 12.81 -13.59 -0.28
C LEU A 241 11.62 -13.13 -1.12
N LEU A 242 11.23 -13.89 -2.14
CA LEU A 242 10.05 -13.55 -2.91
C LEU A 242 8.78 -13.78 -2.10
N VAL A 243 8.75 -14.85 -1.31
CA VAL A 243 7.65 -15.06 -0.38
C VAL A 243 7.65 -13.97 0.70
N ARG A 244 8.84 -13.53 1.11
CA ARG A 244 8.94 -12.44 2.09
C ARG A 244 8.31 -11.16 1.57
N SER A 245 8.37 -10.93 0.25
CA SER A 245 7.73 -9.76 -0.34
C SER A 245 6.22 -9.80 -0.15
N LEU A 246 5.60 -10.96 -0.37
CA LEU A 246 4.16 -11.08 -0.19
C LEU A 246 3.77 -10.98 1.28
N LEU A 247 4.61 -11.48 2.19
CA LEU A 247 4.34 -11.35 3.61
C LEU A 247 4.61 -9.96 4.14
N SER A 248 5.36 -9.14 3.39
CA SER A 248 5.63 -7.78 3.81
C SER A 248 4.59 -6.79 3.31
N ALA A 249 4.09 -7.00 2.08
CA ALA A 249 3.22 -6.03 1.42
C ALA A 249 1.81 -6.53 1.15
N GLY A 250 1.52 -7.81 1.38
CA GLY A 250 0.26 -8.35 0.94
C GLY A 250 -0.91 -8.14 1.89
N LEU A 251 -0.63 -7.84 3.16
CA LEU A 251 -1.68 -7.75 4.17
C LEU A 251 -1.95 -6.32 4.61
N ASP A 252 -0.92 -5.62 5.12
CA ASP A 252 -1.14 -4.30 5.71
C ASP A 252 -1.65 -3.30 4.68
N THR A 253 -1.27 -3.45 3.42
CA THR A 253 -1.77 -2.55 2.38
C THR A 253 -3.27 -2.72 2.19
N THR A 254 -3.74 -3.97 2.12
CA THR A 254 -5.17 -4.22 1.96
C THR A 254 -5.96 -3.85 3.21
N VAL A 255 -5.32 -3.82 4.37
CA VAL A 255 -6.01 -3.38 5.59
C VAL A 255 -6.31 -1.88 5.50
N ASN A 256 -5.29 -1.08 5.18
CA ASN A 256 -5.50 0.36 5.04
C ASN A 256 -6.24 0.71 3.76
N GLY A 257 -6.20 -0.17 2.76
CA GLY A 257 -7.00 0.07 1.56
C GLY A 257 -8.48 -0.16 1.80
N ILE A 258 -8.82 -1.24 2.51
CA ILE A 258 -10.21 -1.50 2.85
C ILE A 258 -10.69 -0.53 3.92
N GLY A 259 -9.82 -0.22 4.90
CA GLY A 259 -10.17 0.76 5.91
C GLY A 259 -10.40 2.15 5.33
N ALA A 260 -9.74 2.44 4.21
CA ALA A 260 -9.97 3.72 3.53
C ALA A 260 -11.33 3.75 2.85
N ALA A 261 -11.71 2.64 2.19
CA ALA A 261 -12.99 2.60 1.49
C ALA A 261 -14.15 2.72 2.46
N VAL A 262 -14.08 2.02 3.59
CA VAL A 262 -15.14 2.13 4.59
C VAL A 262 -15.18 3.53 5.19
N TYR A 263 -14.01 4.12 5.42
CA TYR A 263 -13.96 5.50 5.93
C TYR A 263 -14.57 6.48 4.94
N CYS A 264 -14.31 6.27 3.65
CA CYS A 264 -14.91 7.13 2.62
C CYS A 264 -16.41 6.99 2.60
N LEU A 265 -16.91 5.75 2.58
CA LEU A 265 -18.35 5.53 2.58
C LEU A 265 -19.01 5.98 3.87
N ALA A 266 -18.26 6.02 4.97
CA ALA A 266 -18.81 6.52 6.23
C ALA A 266 -18.93 8.05 6.21
N ARG A 267 -17.98 8.72 5.57
CA ARG A 267 -18.01 10.18 5.50
C ARG A 267 -18.83 10.70 4.32
N PHE A 268 -19.08 9.88 3.30
CA PHE A 268 -19.82 10.28 2.11
C PHE A 268 -21.03 9.36 1.96
N PRO A 269 -22.12 9.64 2.68
CA PRO A 269 -23.31 8.77 2.57
C PRO A 269 -23.94 8.78 1.18
N GLY A 270 -23.78 9.87 0.43
CA GLY A 270 -24.33 9.91 -0.91
C GLY A 270 -23.69 8.88 -1.84
N GLU A 271 -22.40 8.65 -1.66
CA GLU A 271 -21.72 7.64 -2.49
C GLU A 271 -22.07 6.22 -2.04
N LEU A 272 -22.35 6.04 -0.75
CA LEU A 272 -22.82 4.74 -0.28
C LEU A 272 -24.19 4.41 -0.86
N GLN A 273 -25.03 5.42 -1.07
CA GLN A 273 -26.36 5.19 -1.65
CA GLN A 273 -26.35 5.19 -1.64
C GLN A 273 -26.27 4.90 -3.14
N ARG A 274 -25.31 5.49 -3.85
CA ARG A 274 -25.12 5.15 -5.25
C ARG A 274 -24.57 3.75 -5.40
N LEU A 275 -23.72 3.32 -4.46
CA LEU A 275 -23.15 1.97 -4.53
C LEU A 275 -24.21 0.92 -4.25
N ARG A 276 -25.12 1.19 -3.32
CA ARG A 276 -26.20 0.25 -3.04
C ARG A 276 -27.10 0.06 -4.27
N SER A 277 -27.34 1.14 -5.02
CA SER A 277 -28.20 1.06 -6.19
C SER A 277 -27.54 0.32 -7.34
N ASP A 278 -26.21 0.26 -7.38
CA ASP A 278 -25.48 -0.48 -8.41
C ASP A 278 -24.25 -1.11 -7.79
N PRO A 279 -24.38 -2.31 -7.24
CA PRO A 279 -23.22 -2.97 -6.61
C PRO A 279 -22.07 -3.24 -7.56
N THR A 280 -22.31 -3.25 -8.88
CA THR A 280 -21.23 -3.44 -9.84
C THR A 280 -20.22 -2.29 -9.82
N LEU A 281 -20.53 -1.19 -9.12
CA LEU A 281 -19.59 -0.10 -8.93
C LEU A 281 -18.60 -0.36 -7.80
N ALA A 282 -18.64 -1.55 -7.19
CA ALA A 282 -17.81 -1.80 -6.02
C ALA A 282 -16.33 -1.77 -6.37
N ARG A 283 -15.96 -2.25 -7.56
CA ARG A 283 -14.56 -2.25 -7.95
C ARG A 283 -14.02 -0.83 -8.12
N ASN A 284 -14.78 0.03 -8.79
CA ASN A 284 -14.33 1.41 -8.97
C ASN A 284 -14.43 2.20 -7.67
N ALA A 285 -15.39 1.85 -6.80
CA ALA A 285 -15.48 2.50 -5.50
C ALA A 285 -14.24 2.23 -4.67
N PHE A 286 -13.70 1.01 -4.75
CA PHE A 286 -12.45 0.70 -4.07
C PHE A 286 -11.28 1.43 -4.73
N GLU A 287 -11.25 1.45 -6.06
CA GLU A 287 -10.16 2.11 -6.77
C GLU A 287 -10.15 3.62 -6.47
N GLU A 288 -11.33 4.23 -6.39
CA GLU A 288 -11.39 5.64 -6.03
C GLU A 288 -10.96 5.85 -4.57
N ALA A 289 -11.25 4.90 -3.70
CA ALA A 289 -10.76 4.99 -2.32
C ALA A 289 -9.25 4.92 -2.27
N VAL A 290 -8.63 4.10 -3.14
CA VAL A 290 -7.18 4.04 -3.19
C VAL A 290 -6.59 5.37 -3.63
N ARG A 291 -7.26 6.04 -4.58
CA ARG A 291 -6.79 7.36 -4.99
C ARG A 291 -7.06 8.41 -3.92
N PHE A 292 -8.24 8.36 -3.30
CA PHE A 292 -8.64 9.38 -2.35
C PHE A 292 -7.72 9.40 -1.13
N GLU A 293 -7.55 8.25 -0.47
CA GLU A 293 -6.75 8.18 0.75
C GLU A 293 -5.28 7.91 0.47
N SER A 294 -4.99 7.09 -0.55
CA SER A 294 -3.64 6.64 -0.88
C SER A 294 -2.99 6.01 0.34
N PRO A 295 -3.33 4.76 0.66
CA PRO A 295 -2.72 4.11 1.84
C PRO A 295 -1.21 4.06 1.78
N VAL A 296 -0.63 3.89 0.60
CA VAL A 296 0.81 4.00 0.42
C VAL A 296 1.09 5.44 0.03
N GLN A 297 1.61 6.21 0.98
CA GLN A 297 1.69 7.66 0.80
C GLN A 297 2.94 8.07 0.04
N THR A 298 4.10 7.51 0.40
CA THR A 298 5.36 8.01 -0.09
C THR A 298 6.29 6.86 -0.45
N PHE A 299 7.22 7.15 -1.36
CA PHE A 299 8.29 6.24 -1.70
C PHE A 299 9.43 7.07 -2.29
N PHE A 300 10.67 6.63 -2.04
CA PHE A 300 11.85 7.34 -2.47
C PHE A 300 12.43 6.72 -3.74
N ARG A 301 13.25 7.51 -4.42
CA ARG A 301 14.11 7.04 -5.50
C ARG A 301 15.47 7.70 -5.35
N THR A 302 16.49 7.12 -5.98
CA THR A 302 17.83 7.66 -5.95
C THR A 302 18.31 7.95 -7.36
N THR A 303 18.82 9.16 -7.58
CA THR A 303 19.30 9.55 -8.89
C THR A 303 20.64 8.85 -9.18
N THR A 304 20.71 8.18 -10.34
CA THR A 304 21.93 7.54 -10.79
C THR A 304 22.80 8.46 -11.63
N ARG A 305 22.36 9.70 -11.86
CA ARG A 305 23.05 10.63 -12.74
C ARG A 305 22.55 12.03 -12.40
N GLU A 306 23.23 13.04 -12.95
CA GLU A 306 22.72 14.39 -12.89
C GLU A 306 21.55 14.52 -13.84
N VAL A 307 20.40 14.94 -13.33
CA VAL A 307 19.16 14.94 -14.09
C VAL A 307 18.45 16.28 -13.92
N GLU A 308 17.84 16.76 -14.99
CA GLU A 308 17.00 17.95 -14.96
C GLU A 308 15.54 17.53 -14.79
N LEU A 309 14.88 18.11 -13.80
CA LEU A 309 13.50 17.77 -13.48
C LEU A 309 12.76 19.02 -13.05
N GLY A 310 11.76 19.41 -13.83
CA GLY A 310 10.99 20.61 -13.53
C GLY A 310 11.82 21.87 -13.45
N GLY A 311 12.75 22.06 -14.38
CA GLY A 311 13.64 23.20 -14.35
C GLY A 311 14.74 23.13 -13.32
N ALA A 312 14.82 22.05 -12.56
CA ALA A 312 15.81 21.90 -11.49
C ALA A 312 16.77 20.78 -11.84
N VAL A 313 18.07 21.05 -11.72
CA VAL A 313 19.08 20.02 -11.94
C VAL A 313 19.38 19.36 -10.60
N ILE A 314 19.40 18.03 -10.58
CA ILE A 314 19.60 17.25 -9.38
C ILE A 314 20.83 16.38 -9.56
N GLY A 315 21.77 16.47 -8.63
CA GLY A 315 23.01 15.73 -8.75
C GLY A 315 22.81 14.24 -8.63
N GLU A 316 23.92 13.51 -8.82
CA GLU A 316 23.91 12.07 -8.69
C GLU A 316 23.83 11.67 -7.22
N GLY A 317 23.23 10.51 -6.97
CA GLY A 317 23.17 9.97 -5.63
C GLY A 317 22.31 10.76 -4.67
N GLU A 318 21.32 11.48 -5.17
CA GLU A 318 20.41 12.26 -4.34
C GLU A 318 19.09 11.51 -4.18
N LYS A 319 18.51 11.61 -2.99
CA LYS A 319 17.23 10.98 -2.69
C LYS A 319 16.10 11.90 -3.13
N VAL A 320 15.11 11.36 -3.83
CA VAL A 320 13.96 12.10 -4.30
C VAL A 320 12.71 11.45 -3.70
N LEU A 321 11.92 12.24 -2.98
CA LEU A 321 10.72 11.75 -2.29
C LEU A 321 9.50 12.03 -3.16
N MET A 322 8.75 10.96 -3.47
CA MET A 322 7.54 11.07 -4.27
C MET A 322 6.33 11.07 -3.34
N PHE A 323 5.51 12.11 -3.43
CA PHE A 323 4.28 12.19 -2.66
C PHE A 323 3.15 11.62 -3.50
N LEU A 324 2.94 10.30 -3.38
CA LEU A 324 1.90 9.64 -4.16
C LEU A 324 0.52 10.16 -3.79
N GLY A 325 0.26 10.33 -2.49
CA GLY A 325 -1.04 10.84 -2.08
C GLY A 325 -1.31 12.25 -2.56
N SER A 326 -0.26 13.08 -2.62
CA SER A 326 -0.43 14.43 -3.13
C SER A 326 -0.64 14.43 -4.64
N ALA A 327 0.02 13.51 -5.36
CA ALA A 327 -0.19 13.41 -6.79
C ALA A 327 -1.59 12.93 -7.13
N ASN A 328 -2.22 12.18 -6.22
CA ASN A 328 -3.59 11.72 -6.39
C ASN A 328 -4.61 12.79 -6.05
N ARG A 329 -4.17 13.95 -5.54
CA ARG A 329 -5.06 15.06 -5.24
C ARG A 329 -4.60 16.35 -5.91
N ASP A 330 -3.77 16.24 -6.94
CA ASP A 330 -3.28 17.42 -7.65
C ASP A 330 -4.39 18.00 -8.52
N PRO A 331 -4.84 19.24 -8.25
CA PRO A 331 -5.88 19.82 -9.11
C PRO A 331 -5.44 20.10 -10.54
N ARG A 332 -4.13 20.06 -10.81
CA ARG A 332 -3.64 20.15 -12.18
C ARG A 332 -3.96 18.91 -12.99
N ARG A 333 -4.33 17.80 -12.34
CA ARG A 333 -4.63 16.54 -13.00
C ARG A 333 -6.05 16.06 -12.74
N TRP A 334 -6.57 16.25 -11.53
CA TRP A 334 -7.89 15.75 -11.15
C TRP A 334 -8.84 16.91 -10.92
N SER A 335 -10.10 16.71 -11.32
CA SER A 335 -11.17 17.66 -11.04
C SER A 335 -11.83 17.29 -9.72
N ASP A 336 -12.00 18.27 -8.84
CA ASP A 336 -12.50 18.06 -7.50
C ASP A 336 -11.72 16.94 -6.79
N PRO A 337 -10.41 17.11 -6.60
CA PRO A 337 -9.61 16.02 -6.04
C PRO A 337 -9.97 15.63 -4.63
N ASP A 338 -10.55 16.56 -3.85
CA ASP A 338 -10.95 16.28 -2.47
C ASP A 338 -12.34 15.68 -2.37
N LEU A 339 -12.91 15.23 -3.48
CA LEU A 339 -14.23 14.60 -3.49
C LEU A 339 -14.09 13.10 -3.77
N TYR A 340 -14.85 12.31 -3.02
CA TYR A 340 -14.92 10.87 -3.23
C TYR A 340 -16.02 10.58 -4.24
N ASP A 341 -15.65 10.11 -5.42
CA ASP A 341 -16.59 9.88 -6.52
C ASP A 341 -16.41 8.46 -7.04
N ILE A 342 -17.36 7.57 -6.70
CA ILE A 342 -17.24 6.17 -7.06
C ILE A 342 -17.40 5.91 -8.55
N THR A 343 -17.89 6.89 -9.31
CA THR A 343 -17.99 6.77 -10.76
C THR A 343 -16.91 7.57 -11.48
N ARG A 344 -15.94 8.12 -10.75
CA ARG A 344 -14.83 8.82 -11.38
C ARG A 344 -13.94 7.86 -12.15
N LYS A 345 -13.45 8.31 -13.30
CA LYS A 345 -12.51 7.54 -14.09
C LYS A 345 -11.13 7.68 -13.44
N THR A 346 -10.76 6.68 -12.66
CA THR A 346 -9.55 6.73 -11.83
C THR A 346 -8.29 6.30 -12.58
N SER A 347 -8.39 6.02 -13.88
CA SER A 347 -7.23 5.56 -14.64
C SER A 347 -6.14 6.62 -14.64
N GLY A 348 -4.95 6.23 -14.20
CA GLY A 348 -3.80 7.13 -14.12
C GLY A 348 -3.36 7.46 -12.71
N HIS A 349 -4.16 7.14 -11.69
CA HIS A 349 -3.76 7.42 -10.32
C HIS A 349 -2.54 6.57 -9.94
N VAL A 350 -1.70 7.14 -9.08
CA VAL A 350 -0.45 6.51 -8.70
C VAL A 350 -0.55 5.82 -7.34
N GLY A 351 -1.77 5.50 -6.91
CA GLY A 351 -1.93 4.78 -5.65
C GLY A 351 -1.30 3.40 -5.66
N PHE A 352 -1.23 2.77 -6.83
CA PHE A 352 -0.57 1.49 -7.02
C PHE A 352 0.79 1.64 -7.69
N GLY A 353 1.29 2.87 -7.81
CA GLY A 353 2.53 3.13 -8.53
C GLY A 353 2.28 3.28 -10.02
N SER A 354 3.39 3.21 -10.76
CA SER A 354 3.35 3.35 -12.21
C SER A 354 4.68 2.89 -12.78
N GLY A 355 4.63 2.23 -13.93
CA GLY A 355 5.84 1.80 -14.60
C GLY A 355 6.24 0.37 -14.31
N VAL A 356 7.54 0.11 -14.20
CA VAL A 356 8.02 -1.26 -14.04
C VAL A 356 7.79 -1.80 -12.64
N HIS A 357 7.55 -0.93 -11.65
CA HIS A 357 7.38 -1.35 -10.27
C HIS A 357 5.93 -1.30 -9.82
N MET A 358 4.99 -1.01 -10.71
CA MET A 358 3.58 -0.93 -10.34
C MET A 358 3.14 -2.20 -9.65
N CYS A 359 2.23 -2.05 -8.69
CA CYS A 359 1.87 -3.12 -7.76
C CYS A 359 1.62 -4.44 -8.47
N VAL A 360 2.46 -5.42 -8.18
CA VAL A 360 2.32 -6.75 -8.77
C VAL A 360 1.19 -7.55 -8.13
N GLY A 361 0.70 -7.13 -6.96
CA GLY A 361 -0.40 -7.81 -6.31
C GLY A 361 -1.68 -7.01 -6.33
N GLN A 362 -1.83 -6.11 -7.31
CA GLN A 362 -3.02 -5.27 -7.37
C GLN A 362 -4.27 -6.07 -7.75
N LEU A 363 -4.11 -7.25 -8.34
CA LEU A 363 -5.27 -8.09 -8.60
C LEU A 363 -5.82 -8.69 -7.31
N VAL A 364 -4.94 -9.09 -6.40
CA VAL A 364 -5.38 -9.55 -5.09
C VAL A 364 -6.01 -8.41 -4.30
N ALA A 365 -5.39 -7.24 -4.33
CA ALA A 365 -5.93 -6.09 -3.60
C ALA A 365 -7.29 -5.69 -4.13
N ARG A 366 -7.44 -5.64 -5.46
CA ARG A 366 -8.73 -5.25 -6.04
C ARG A 366 -9.78 -6.32 -5.83
N LEU A 367 -9.38 -7.59 -5.80
CA LEU A 367 -10.33 -8.66 -5.50
C LEU A 367 -10.85 -8.55 -4.07
N GLU A 368 -9.95 -8.36 -3.11
CA GLU A 368 -10.37 -8.19 -1.72
C GLU A 368 -11.26 -6.97 -1.55
N GLY A 369 -10.89 -5.85 -2.18
CA GLY A 369 -11.67 -4.64 -2.04
C GLY A 369 -13.04 -4.73 -2.70
N GLU A 370 -13.10 -5.34 -3.89
CA GLU A 370 -14.35 -5.42 -4.61
C GLU A 370 -15.38 -6.26 -3.85
N VAL A 371 -15.00 -7.47 -3.44
CA VAL A 371 -15.95 -8.37 -2.81
C VAL A 371 -16.40 -7.83 -1.45
N MET A 372 -15.55 -7.06 -0.78
CA MET A 372 -15.96 -6.47 0.49
C MET A 372 -16.94 -5.33 0.27
N LEU A 373 -16.62 -4.42 -0.65
CA LEU A 373 -17.57 -3.36 -0.99
C LEU A 373 -18.84 -3.93 -1.62
N SER A 374 -18.73 -5.08 -2.29
CA SER A 374 -19.91 -5.75 -2.82
C SER A 374 -20.81 -6.25 -1.70
N ALA A 375 -20.22 -6.85 -0.66
CA ALA A 375 -21.01 -7.32 0.47
C ALA A 375 -21.69 -6.17 1.20
N LEU A 376 -20.96 -5.06 1.39
CA LEU A 376 -21.56 -3.90 2.03
C LEU A 376 -22.68 -3.32 1.18
N ALA A 377 -22.49 -3.29 -0.14
CA ALA A 377 -23.47 -2.69 -1.04
C ALA A 377 -24.80 -3.43 -1.01
N ARG A 378 -24.77 -4.75 -0.79
CA ARG A 378 -25.98 -5.57 -0.83
C ARG A 378 -26.59 -5.81 0.55
N LYS A 379 -25.84 -5.56 1.63
CA LYS A 379 -26.30 -5.94 2.97
C LYS A 379 -26.41 -4.77 3.94
N VAL A 380 -25.83 -3.61 3.64
CA VAL A 380 -25.78 -2.50 4.57
C VAL A 380 -26.57 -1.32 3.98
N ALA A 381 -27.39 -0.69 4.82
CA ALA A 381 -28.16 0.47 4.42
C ALA A 381 -27.54 1.79 4.86
N ALA A 382 -26.77 1.79 5.94
CA ALA A 382 -26.16 3.03 6.43
C ALA A 382 -24.93 2.69 7.26
N ILE A 383 -23.92 3.57 7.18
CA ILE A 383 -22.69 3.44 7.96
C ILE A 383 -22.47 4.79 8.64
N ASP A 384 -22.70 4.84 9.95
CA ASP A 384 -22.62 6.07 10.72
C ASP A 384 -21.53 5.95 11.77
N ILE A 385 -20.59 6.89 11.74
CA ILE A 385 -19.57 6.96 12.80
C ILE A 385 -20.26 7.30 14.12
N ASP A 386 -19.99 6.50 15.15
CA ASP A 386 -20.60 6.67 16.46
C ASP A 386 -19.56 6.53 17.57
N GLY A 387 -18.33 6.97 17.31
CA GLY A 387 -17.28 6.89 18.29
C GLY A 387 -16.07 7.72 17.92
N PRO A 388 -15.15 7.88 18.87
CA PRO A 388 -13.94 8.68 18.60
C PRO A 388 -13.05 8.00 17.57
N VAL A 389 -12.74 8.72 16.51
CA VAL A 389 -11.88 8.22 15.45
C VAL A 389 -10.42 8.42 15.85
N LYS A 390 -9.62 7.36 15.74
CA LYS A 390 -8.21 7.39 16.08
C LYS A 390 -7.38 7.03 14.85
N ARG A 391 -6.34 7.83 14.60
CA ARG A 391 -5.47 7.61 13.45
C ARG A 391 -4.28 6.74 13.85
N ARG A 392 -3.87 5.86 12.94
CA ARG A 392 -2.66 5.07 13.09
C ARG A 392 -1.52 5.75 12.34
N PHE A 393 -0.40 5.95 13.03
CA PHE A 393 0.72 6.72 12.50
C PHE A 393 1.81 5.79 11.97
N ASN A 394 2.17 5.99 10.71
CA ASN A 394 3.21 5.19 10.05
C ASN A 394 3.95 6.09 9.07
N ASN A 395 5.24 5.83 8.90
CA ASN A 395 6.06 6.66 8.02
C ASN A 395 5.69 6.49 6.54
N THR A 396 5.03 5.40 6.18
CA THR A 396 4.63 5.16 4.80
C THR A 396 3.12 4.97 4.64
N LEU A 397 2.47 4.36 5.61
CA LEU A 397 1.06 4.00 5.50
C LEU A 397 0.17 5.04 6.14
N ARG A 398 -0.92 5.38 5.47
CA ARG A 398 -1.95 6.27 5.99
C ARG A 398 -3.20 5.45 6.27
N GLY A 399 -3.67 5.48 7.51
CA GLY A 399 -4.82 4.69 7.90
C GLY A 399 -5.22 5.00 9.32
N LEU A 400 -6.32 4.41 9.74
CA LEU A 400 -6.89 4.67 11.05
C LEU A 400 -6.57 3.55 12.02
N GLU A 401 -6.45 3.91 13.30
CA GLU A 401 -6.29 2.92 14.35
C GLU A 401 -7.63 2.37 14.80
N SER A 402 -8.66 3.22 14.85
CA SER A 402 -9.99 2.80 15.27
C SER A 402 -11.02 3.61 14.51
N LEU A 403 -12.10 2.93 14.07
CA LEU A 403 -13.20 3.58 13.36
C LEU A 403 -14.51 2.97 13.85
N PRO A 404 -15.05 3.50 14.95
CA PRO A 404 -16.33 2.98 15.47
C PRO A 404 -17.48 3.43 14.59
N VAL A 405 -18.18 2.47 14.00
CA VAL A 405 -19.32 2.74 13.13
C VAL A 405 -20.48 1.85 13.54
N LYS A 406 -21.69 2.33 13.30
CA LYS A 406 -22.89 1.54 13.44
C LYS A 406 -23.36 1.13 12.05
N LEU A 407 -23.55 -0.16 11.84
CA LEU A 407 -23.98 -0.70 10.56
C LEU A 407 -25.48 -0.99 10.62
N THR A 408 -26.25 -0.31 9.76
CA THR A 408 -27.69 -0.54 9.69
C THR A 408 -27.99 -1.56 8.60
N PRO A 409 -28.68 -2.64 8.90
CA PRO A 409 -28.96 -3.65 7.87
C PRO A 409 -29.88 -3.11 6.79
N ALA A 410 -29.67 -3.62 5.58
CA ALA A 410 -30.45 -3.18 4.42
C ALA A 410 -31.87 -3.73 4.46
#